data_1B7E
#
_entry.id   1B7E
#
_cell.length_a   181.800
_cell.length_b   71.900
_cell.length_c   41.300
_cell.angle_alpha   90.00
_cell.angle_beta   90.00
_cell.angle_gamma   90.00
#
_symmetry.space_group_name_H-M   'P 21 21 2'
#
loop_
_entity.id
_entity.type
_entity.pdbx_description
1 polymer 'PROTEIN (TRANSPOSASE INHIBITOR PROTEIN FROM TN5)'
2 non-polymer "2,2':6',2''-TERPYRIDINE PLATINUM(II) Chloride"
3 water water
#
_entity_poly.entity_id   1
_entity_poly.type   'polypeptide(L)'
_entity_poly.pdbx_seq_one_letter_code
;MQEGAYRFIRNPNVSAEAIRKAGAMQTVKLAQEFPELLAIEDTTSLSYRHQVAEELGKLGSIQDKSRGWWVHSVLLLEAT
TFRTVGLLHQEWWMRPDDPADADEKESGKWLAAAATSRLRMGSMMSNVIAVCDREADIHAYLQDKLAHNERFVVRSKHPR
KDVESGLYLYDHLKNQPELGGYQISIPQKGVVDKRGKRKNRPARKASLSLRSGRITLKQGNITLNAVLAEEINPPKGETP
LKWLLLTSEPVESLAQALRVIDIYTHRWRIEEFHKAWKTGAGAERQRMEEPDNLERMVSILSFVAVRLLQLRESFTLPQA
LRAQGLLKEAEHVESQSAETVLTPDECQLLGYLDKGKRKRKEKGSLQWAYMAIARLGGFMDSKRTGIASWGALWEGWEAL
QSKLDGFLAAKDLMAQGIKI
;
_entity_poly.pdbx_strand_id   A
#
loop_
_chem_comp.id
_chem_comp.type
_chem_comp.name
_chem_comp.formula
TPT non-polymer '2,2':6',2''-TERPYRIDINE PLATINUM(II) Chloride' 'C15 H11 Cl N3 Pt 1'
#
# COMPACT_ATOMS: atom_id res chain seq x y z
N SER A 15 21.20 15.36 2.93
CA SER A 15 20.99 13.96 3.25
C SER A 15 19.59 13.47 2.90
N ALA A 16 18.58 13.91 3.67
CA ALA A 16 17.16 13.55 3.52
C ALA A 16 16.57 13.11 2.19
N GLU A 17 16.59 14.02 1.20
CA GLU A 17 16.06 13.75 -0.13
C GLU A 17 16.96 12.71 -0.83
N ALA A 18 18.27 12.99 -0.85
CA ALA A 18 19.25 12.11 -1.45
C ALA A 18 19.03 10.67 -1.01
N ILE A 19 18.62 10.52 0.25
CA ILE A 19 18.32 9.22 0.78
C ILE A 19 17.23 8.62 -0.06
N ARG A 20 16.11 9.33 -0.01
CA ARG A 20 14.93 8.95 -0.73
C ARG A 20 15.29 8.47 -2.12
N LYS A 21 15.96 9.32 -2.87
CA LYS A 21 16.38 8.97 -4.21
C LYS A 21 16.99 7.58 -4.20
N ALA A 22 17.91 7.39 -3.26
CA ALA A 22 18.54 6.11 -3.13
C ALA A 22 17.48 5.04 -2.96
N GLY A 23 16.73 5.18 -1.87
CA GLY A 23 15.66 4.24 -1.54
C GLY A 23 14.83 3.96 -2.76
N ALA A 24 14.29 5.05 -3.33
CA ALA A 24 13.47 5.04 -4.53
C ALA A 24 14.05 4.15 -5.57
N MET A 25 15.30 4.49 -5.88
CA MET A 25 16.08 3.77 -6.85
C MET A 25 15.90 2.30 -6.62
N GLN A 26 16.11 1.92 -5.37
CA GLN A 26 15.93 0.53 -4.95
C GLN A 26 14.53 0.06 -5.32
N THR A 27 13.51 0.80 -4.92
CA THR A 27 12.17 0.42 -5.22
C THR A 27 11.96 0.18 -6.71
N VAL A 28 12.55 1.02 -7.54
CA VAL A 28 12.42 0.91 -8.97
C VAL A 28 13.03 -0.36 -9.53
N LYS A 29 14.31 -0.56 -9.22
CA LYS A 29 15.06 -1.71 -9.67
C LYS A 29 14.38 -3.02 -9.29
N LEU A 30 13.71 -2.99 -8.16
CA LEU A 30 12.99 -4.14 -7.67
C LEU A 30 11.70 -4.38 -8.47
N ALA A 31 11.16 -3.29 -8.98
CA ALA A 31 9.89 -3.31 -9.72
C ALA A 31 10.04 -3.92 -11.12
N GLN A 32 11.22 -3.84 -11.68
CA GLN A 32 11.45 -4.35 -13.04
C GLN A 32 11.17 -5.85 -13.11
N GLU A 33 11.48 -6.54 -12.04
CA GLU A 33 11.31 -7.99 -11.99
C GLU A 33 9.83 -8.38 -12.05
N PHE A 34 8.95 -7.41 -12.31
CA PHE A 34 7.51 -7.70 -12.38
C PHE A 34 6.81 -7.03 -13.58
N PRO A 35 5.93 -7.83 -14.18
CA PRO A 35 5.20 -7.56 -15.43
C PRO A 35 4.14 -6.49 -15.36
N GLU A 36 3.61 -6.34 -14.18
CA GLU A 36 2.56 -5.35 -13.87
C GLU A 36 2.60 -5.08 -12.38
N LEU A 37 2.38 -3.83 -12.06
CA LEU A 37 2.35 -3.39 -10.67
C LEU A 37 1.42 -2.22 -10.48
N LEU A 38 1.04 -2.08 -9.23
CA LEU A 38 0.15 -1.02 -8.78
C LEU A 38 0.91 -0.04 -7.89
N ALA A 39 0.65 1.21 -8.14
CA ALA A 39 1.25 2.30 -7.37
C ALA A 39 0.16 2.92 -6.51
N ILE A 40 0.14 2.51 -5.26
CA ILE A 40 -0.83 3.03 -4.33
C ILE A 40 -0.37 4.34 -3.77
N GLU A 41 -1.27 5.27 -3.68
CA GLU A 41 -0.82 6.51 -3.16
C GLU A 41 -1.82 7.25 -2.32
N ASP A 42 -1.27 7.96 -1.35
CA ASP A 42 -2.02 8.76 -0.42
C ASP A 42 -1.13 9.81 0.19
N THR A 43 -1.77 10.86 0.66
CA THR A 43 -1.10 11.93 1.31
C THR A 43 -1.50 11.89 2.77
N THR A 44 -0.55 12.05 3.69
CA THR A 44 -0.90 11.99 5.11
C THR A 44 -0.36 13.09 5.99
N SER A 45 -1.05 13.14 7.12
CA SER A 45 -0.79 14.07 8.19
C SER A 45 0.08 13.48 9.25
N LEU A 46 1.35 13.68 9.10
CA LEU A 46 2.23 13.19 10.13
C LEU A 46 2.63 14.39 11.00
N SER A 47 2.20 14.41 12.27
CA SER A 47 2.52 15.54 13.15
C SER A 47 3.17 15.16 14.49
N TYR A 48 3.91 16.14 15.03
CA TYR A 48 4.64 16.02 16.29
C TYR A 48 3.86 16.50 17.55
N ARG A 49 4.37 16.11 18.73
CA ARG A 49 3.74 16.44 20.02
C ARG A 49 4.81 16.80 21.09
N TRP A 69 5.34 18.25 8.24
CA TRP A 69 3.89 18.38 8.17
C TRP A 69 3.11 17.31 7.34
N TRP A 70 3.06 17.40 6.00
CA TRP A 70 2.33 16.38 5.22
C TRP A 70 3.18 15.47 4.41
N VAL A 71 2.56 14.36 4.04
CA VAL A 71 3.29 13.36 3.28
C VAL A 71 2.39 12.58 2.34
N HIS A 72 2.66 12.69 1.08
CA HIS A 72 1.89 11.95 0.12
C HIS A 72 2.80 10.80 -0.20
N SER A 73 2.35 9.58 -0.13
CA SER A 73 3.31 8.55 -0.42
C SER A 73 2.93 7.72 -1.59
N VAL A 74 3.96 7.29 -2.33
CA VAL A 74 3.71 6.42 -3.45
C VAL A 74 4.27 5.06 -3.16
N LEU A 75 3.36 4.15 -2.86
CA LEU A 75 3.65 2.80 -2.51
C LEU A 75 3.29 1.92 -3.67
N LEU A 76 4.15 0.94 -3.93
CA LEU A 76 4.03 0.00 -5.02
C LEU A 76 3.90 -1.46 -4.65
N LEU A 77 2.91 -2.12 -5.23
CA LEU A 77 2.74 -3.53 -4.96
C LEU A 77 2.98 -4.36 -6.18
N GLU A 78 2.82 -5.63 -5.98
CA GLU A 78 2.96 -6.55 -7.06
C GLU A 78 1.54 -6.87 -7.46
N ALA A 79 1.24 -6.68 -8.73
CA ALA A 79 -0.12 -6.85 -9.24
C ALA A 79 -0.63 -8.26 -9.39
N THR A 80 0.16 -9.21 -8.93
CA THR A 80 -0.22 -10.59 -9.06
C THR A 80 -0.31 -11.28 -7.72
N THR A 81 0.64 -11.03 -6.87
CA THR A 81 0.54 -11.62 -5.55
C THR A 81 0.16 -10.52 -4.57
N PHE A 82 0.24 -9.29 -5.06
CA PHE A 82 -0.14 -8.13 -4.28
C PHE A 82 0.74 -7.95 -3.08
N ARG A 83 1.90 -8.50 -3.24
CA ARG A 83 2.93 -8.38 -2.24
C ARG A 83 3.62 -7.06 -2.50
N THR A 84 3.85 -6.36 -1.42
CA THR A 84 4.52 -5.07 -1.47
C THR A 84 5.91 -5.25 -2.03
N VAL A 85 6.26 -4.34 -2.90
CA VAL A 85 7.54 -4.35 -3.60
C VAL A 85 8.51 -3.35 -2.98
N GLY A 86 8.02 -2.14 -2.79
CA GLY A 86 8.81 -1.05 -2.22
C GLY A 86 8.09 0.29 -2.42
N LEU A 87 8.48 1.22 -1.58
CA LEU A 87 7.93 2.58 -1.57
C LEU A 87 8.59 3.37 -2.71
N LEU A 88 7.78 3.93 -3.59
CA LEU A 88 8.35 4.65 -4.72
C LEU A 88 8.63 6.12 -4.44
N HIS A 89 7.85 6.78 -3.61
CA HIS A 89 8.10 8.21 -3.44
C HIS A 89 7.34 8.78 -2.23
N GLN A 90 7.96 9.83 -1.63
CA GLN A 90 7.35 10.55 -0.49
C GLN A 90 7.39 12.06 -0.70
N GLU A 91 6.18 12.60 -0.80
CA GLU A 91 5.94 14.04 -0.97
C GLU A 91 5.64 14.65 0.40
N TRP A 92 6.62 15.40 0.82
CA TRP A 92 6.61 16.08 2.11
C TRP A 92 6.35 17.58 1.94
N TRP A 93 5.52 18.11 2.82
CA TRP A 93 5.24 19.56 2.83
C TRP A 93 4.40 19.92 4.05
N MET A 94 4.66 21.12 4.55
CA MET A 94 3.98 21.62 5.75
C MET A 94 2.65 22.27 5.36
N ARG A 95 1.97 22.75 6.39
CA ARG A 95 0.61 23.30 6.29
C ARG A 95 0.54 24.64 5.55
N PRO A 96 -0.29 24.68 4.49
CA PRO A 96 -0.51 25.89 3.72
C PRO A 96 -1.02 26.99 4.61
N ASP A 97 -0.06 27.86 4.89
CA ASP A 97 -0.13 29.04 5.78
C ASP A 97 -1.52 29.72 5.76
N ASP A 98 -1.91 30.31 4.65
CA ASP A 98 -3.26 30.89 4.58
C ASP A 98 -4.19 29.75 4.93
N PRO A 99 -5.39 30.02 5.43
CA PRO A 99 -6.23 28.97 5.92
C PRO A 99 -6.47 27.91 4.90
N ALA A 100 -7.50 28.17 4.13
CA ALA A 100 -7.94 27.24 3.09
C ALA A 100 -7.07 27.33 1.84
N ASP A 101 -5.78 27.16 2.04
CA ASP A 101 -4.84 27.20 0.91
C ASP A 101 -4.04 25.90 0.84
N ALA A 102 -4.46 24.98 1.68
CA ALA A 102 -3.86 23.65 1.76
C ALA A 102 -4.31 22.80 0.57
N ASP A 103 -5.60 22.83 0.34
CA ASP A 103 -6.23 22.05 -0.74
C ASP A 103 -5.54 22.32 -2.09
N GLU A 104 -4.91 23.46 -2.20
CA GLU A 104 -4.22 23.83 -3.45
C GLU A 104 -2.75 23.39 -3.30
N LYS A 105 -2.15 23.74 -2.18
CA LYS A 105 -0.78 23.35 -1.93
C LYS A 105 -0.64 21.84 -2.01
N GLU A 106 -1.68 21.14 -1.55
CA GLU A 106 -1.75 19.68 -1.53
C GLU A 106 -1.98 19.10 -2.92
N SER A 107 -3.01 19.62 -3.58
CA SER A 107 -3.45 19.22 -4.91
C SER A 107 -2.39 19.29 -6.00
N GLY A 108 -1.22 19.80 -5.64
CA GLY A 108 -0.14 19.91 -6.60
C GLY A 108 1.08 19.14 -6.17
N LYS A 109 1.01 18.66 -4.92
CA LYS A 109 2.08 17.89 -4.34
C LYS A 109 2.02 16.54 -4.99
N TRP A 110 0.76 16.13 -5.23
CA TRP A 110 0.48 14.88 -5.89
C TRP A 110 1.18 14.88 -7.22
N LEU A 111 0.76 15.84 -8.07
CA LEU A 111 1.34 16.03 -9.39
C LEU A 111 2.82 15.85 -9.34
N ALA A 112 3.38 16.64 -8.43
CA ALA A 112 4.79 16.66 -8.20
C ALA A 112 5.26 15.26 -8.10
N ALA A 113 4.53 14.50 -7.29
CA ALA A 113 4.89 13.10 -7.07
C ALA A 113 4.80 12.27 -8.31
N ALA A 114 3.62 12.29 -8.89
CA ALA A 114 3.34 11.55 -10.08
C ALA A 114 4.44 11.78 -11.04
N ALA A 115 4.73 13.06 -11.12
CA ALA A 115 5.72 13.61 -11.98
C ALA A 115 7.08 13.05 -11.74
N THR A 116 7.29 12.77 -10.47
CA THR A 116 8.56 12.27 -10.02
C THR A 116 8.60 10.77 -9.91
N SER A 117 7.42 10.16 -9.96
CA SER A 117 7.33 8.73 -9.91
C SER A 117 7.73 8.26 -11.29
N ARG A 118 7.01 8.79 -12.29
CA ARG A 118 7.26 8.44 -13.66
C ARG A 118 8.71 8.67 -13.96
N LEU A 119 9.21 9.80 -13.46
CA LEU A 119 10.61 10.11 -13.67
C LEU A 119 11.44 8.96 -13.19
N ARG A 120 11.16 8.51 -11.96
CA ARG A 120 11.91 7.43 -11.42
C ARG A 120 11.66 6.13 -12.18
N MET A 121 10.41 5.71 -12.22
CA MET A 121 10.02 4.47 -12.88
C MET A 121 10.41 4.38 -14.33
N GLY A 122 10.11 5.43 -15.06
CA GLY A 122 10.42 5.41 -16.45
C GLY A 122 9.37 4.65 -17.22
N SER A 123 9.86 3.87 -18.18
CA SER A 123 9.06 3.03 -19.06
C SER A 123 8.28 1.95 -18.34
N MET A 124 8.65 1.65 -17.12
CA MET A 124 7.91 0.62 -16.44
C MET A 124 6.51 1.16 -16.24
N MET A 125 6.46 2.50 -16.20
CA MET A 125 5.24 3.27 -16.01
C MET A 125 4.03 2.60 -16.61
N SER A 126 4.26 2.01 -17.76
CA SER A 126 3.25 1.31 -18.52
C SER A 126 2.74 0.08 -17.78
N ASN A 127 3.57 -0.46 -16.92
CA ASN A 127 3.21 -1.64 -16.15
C ASN A 127 2.57 -1.24 -14.83
N VAL A 128 2.18 0.04 -14.76
CA VAL A 128 1.64 0.54 -13.52
C VAL A 128 0.26 1.14 -13.56
N ILE A 129 -0.56 0.64 -12.63
CA ILE A 129 -1.92 1.08 -12.49
C ILE A 129 -2.08 1.93 -11.24
N ALA A 130 -1.99 3.23 -11.40
CA ALA A 130 -2.15 4.08 -10.27
C ALA A 130 -3.49 3.89 -9.62
N VAL A 131 -3.46 3.41 -8.40
CA VAL A 131 -4.65 3.24 -7.59
C VAL A 131 -4.69 4.31 -6.53
N CYS A 132 -5.90 4.88 -6.32
CA CYS A 132 -6.15 5.94 -5.34
C CYS A 132 -7.60 6.45 -5.24
N ASP A 133 -7.78 7.48 -4.40
CA ASP A 133 -9.05 8.16 -4.17
C ASP A 133 -8.87 9.65 -4.26
N ARG A 134 -9.63 10.28 -5.11
CA ARG A 134 -9.55 11.71 -5.29
C ARG A 134 -10.79 12.46 -4.86
N GLU A 135 -10.59 13.24 -3.81
CA GLU A 135 -11.64 14.06 -3.23
C GLU A 135 -11.73 15.37 -4.01
N ALA A 136 -10.61 15.73 -4.67
CA ALA A 136 -10.56 16.94 -5.46
C ALA A 136 -9.68 16.85 -6.70
N ASP A 137 -9.82 17.86 -7.53
CA ASP A 137 -9.08 17.98 -8.78
C ASP A 137 -9.00 16.69 -9.54
N ILE A 138 -10.06 15.91 -9.45
CA ILE A 138 -10.08 14.69 -10.17
C ILE A 138 -9.52 14.98 -11.54
N HIS A 139 -10.20 15.87 -12.24
CA HIS A 139 -9.85 16.33 -13.56
C HIS A 139 -8.35 16.35 -13.81
N ALA A 140 -7.66 17.05 -12.92
CA ALA A 140 -6.23 17.20 -13.05
C ALA A 140 -5.54 15.88 -13.23
N TYR A 141 -5.64 15.11 -12.16
CA TYR A 141 -5.09 13.79 -12.06
C TYR A 141 -5.24 13.05 -13.35
N LEU A 142 -6.48 13.04 -13.79
CA LEU A 142 -6.77 12.36 -15.01
C LEU A 142 -6.05 13.00 -16.17
N GLN A 143 -6.23 14.30 -16.40
CA GLN A 143 -5.54 14.87 -17.53
C GLN A 143 -4.10 14.57 -17.49
N ASP A 144 -3.62 14.62 -16.28
CA ASP A 144 -2.27 14.32 -16.04
C ASP A 144 -1.98 12.89 -16.42
N LYS A 145 -2.70 11.99 -15.80
CA LYS A 145 -2.50 10.59 -16.10
C LYS A 145 -2.64 10.36 -17.61
N LEU A 146 -3.70 10.94 -18.17
CA LEU A 146 -4.02 10.82 -19.58
C LEU A 146 -2.87 11.22 -20.52
N ALA A 147 -2.38 12.45 -20.42
CA ALA A 147 -1.33 12.90 -21.29
C ALA A 147 -0.18 11.90 -21.38
N HIS A 148 0.13 11.28 -20.25
CA HIS A 148 1.22 10.32 -20.15
C HIS A 148 0.81 8.91 -20.51
N ASN A 149 -0.48 8.71 -20.65
CA ASN A 149 -1.00 7.39 -20.99
C ASN A 149 -0.63 6.39 -19.93
N GLU A 150 -0.91 6.80 -18.67
CA GLU A 150 -0.67 6.01 -17.46
C GLU A 150 -1.90 5.18 -17.05
N ARG A 151 -1.69 3.97 -16.53
CA ARG A 151 -2.87 3.22 -16.18
C ARG A 151 -3.33 3.54 -14.80
N PHE A 152 -4.58 3.29 -14.54
CA PHE A 152 -5.08 3.60 -13.25
C PHE A 152 -6.52 3.23 -13.02
N VAL A 153 -6.89 3.51 -11.78
CA VAL A 153 -8.17 3.28 -11.19
C VAL A 153 -8.31 4.29 -10.09
N VAL A 154 -9.35 5.07 -10.15
CA VAL A 154 -9.49 6.09 -9.18
C VAL A 154 -10.88 6.09 -8.70
N ARG A 155 -11.02 6.09 -7.45
CA ARG A 155 -12.34 6.12 -7.03
C ARG A 155 -12.67 7.56 -6.81
N SER A 156 -13.80 7.98 -7.36
CA SER A 156 -14.31 9.34 -7.30
C SER A 156 -15.19 9.52 -6.09
N LYS A 157 -14.61 10.11 -5.05
CA LYS A 157 -15.30 10.32 -3.79
C LYS A 157 -16.63 11.07 -3.76
N HIS A 158 -16.89 11.92 -4.76
CA HIS A 158 -18.14 12.64 -4.77
C HIS A 158 -18.95 12.55 -6.05
N PRO A 159 -19.89 13.48 -6.23
CA PRO A 159 -20.72 13.45 -7.41
C PRO A 159 -20.27 14.41 -8.48
N ARG A 160 -19.91 13.81 -9.62
CA ARG A 160 -19.48 14.52 -10.80
C ARG A 160 -20.60 14.36 -11.82
N LYS A 161 -20.38 14.75 -13.08
CA LYS A 161 -21.46 14.60 -14.03
C LYS A 161 -21.08 14.10 -15.40
N ASP A 162 -21.97 13.28 -15.94
CA ASP A 162 -21.83 12.71 -17.26
C ASP A 162 -22.25 13.75 -18.29
N VAL A 163 -21.28 14.32 -18.98
CA VAL A 163 -21.56 15.35 -19.97
C VAL A 163 -22.15 14.88 -21.32
N GLU A 164 -22.29 13.55 -21.49
CA GLU A 164 -22.87 12.95 -22.69
C GLU A 164 -24.21 12.26 -22.42
N SER A 165 -24.53 12.12 -21.12
CA SER A 165 -25.76 11.53 -20.65
C SER A 165 -26.53 12.60 -19.89
N GLY A 166 -25.80 13.67 -19.56
CA GLY A 166 -26.33 14.81 -18.82
C GLY A 166 -26.86 14.31 -17.50
N LEU A 167 -26.45 13.07 -17.21
CA LEU A 167 -26.83 12.32 -16.04
C LEU A 167 -25.68 12.04 -15.10
N TYR A 168 -25.99 12.08 -13.80
CA TYR A 168 -25.01 11.80 -12.78
C TYR A 168 -24.35 10.46 -13.00
N LEU A 169 -23.15 10.36 -12.50
CA LEU A 169 -22.44 9.12 -12.64
C LEU A 169 -23.33 8.02 -12.05
N TYR A 170 -23.46 8.02 -10.72
CA TYR A 170 -24.29 7.05 -10.04
C TYR A 170 -25.55 6.76 -10.84
N ASP A 171 -26.14 7.84 -11.35
CA ASP A 171 -27.37 7.80 -12.12
C ASP A 171 -27.24 7.03 -13.41
N HIS A 172 -26.51 7.64 -14.33
CA HIS A 172 -26.28 7.04 -15.62
C HIS A 172 -25.96 5.58 -15.45
N LEU A 173 -24.91 5.36 -14.66
CA LEU A 173 -24.37 4.06 -14.34
C LEU A 173 -25.39 3.14 -13.71
N LYS A 174 -26.20 3.65 -12.77
CA LYS A 174 -27.24 2.84 -12.14
C LYS A 174 -28.34 2.38 -13.10
N ASN A 175 -28.45 3.10 -14.21
CA ASN A 175 -29.38 2.78 -15.28
C ASN A 175 -28.92 1.64 -16.17
N GLN A 176 -27.63 1.35 -16.11
CA GLN A 176 -27.07 0.28 -16.89
C GLN A 176 -27.56 -1.03 -16.34
N PRO A 177 -27.44 -2.07 -17.16
CA PRO A 177 -27.88 -3.35 -16.72
C PRO A 177 -26.80 -3.99 -15.86
N GLU A 178 -27.28 -4.59 -14.80
CA GLU A 178 -26.44 -5.26 -13.88
C GLU A 178 -25.57 -6.17 -14.67
N LEU A 179 -24.30 -6.07 -14.43
CA LEU A 179 -23.34 -6.88 -15.12
C LEU A 179 -23.14 -8.25 -14.50
N GLY A 180 -23.56 -8.39 -13.25
CA GLY A 180 -23.39 -9.63 -12.52
C GLY A 180 -22.87 -9.37 -11.10
N GLY A 181 -23.05 -10.36 -10.21
CA GLY A 181 -22.68 -10.28 -8.81
C GLY A 181 -21.27 -10.75 -8.47
N TYR A 182 -20.81 -10.29 -7.32
CA TYR A 182 -19.48 -10.66 -6.89
C TYR A 182 -19.24 -10.39 -5.40
N GLN A 183 -18.46 -11.26 -4.75
CA GLN A 183 -18.14 -11.16 -3.33
C GLN A 183 -16.68 -10.91 -3.03
N ILE A 184 -16.36 -9.80 -2.39
CA ILE A 184 -14.97 -9.55 -2.05
C ILE A 184 -14.85 -9.51 -0.54
N SER A 185 -13.61 -9.33 -0.09
CA SER A 185 -13.28 -9.23 1.33
C SER A 185 -12.90 -7.78 1.68
N ILE A 186 -13.84 -7.03 2.27
CA ILE A 186 -13.61 -5.64 2.69
C ILE A 186 -13.04 -5.67 4.11
N PRO A 187 -11.97 -4.92 4.40
CA PRO A 187 -11.39 -4.96 5.74
C PRO A 187 -12.30 -4.38 6.79
N GLN A 188 -11.92 -4.74 7.99
CA GLN A 188 -12.61 -4.33 9.16
C GLN A 188 -11.55 -3.93 10.17
N LYS A 189 -11.76 -2.76 10.78
CA LYS A 189 -10.83 -2.27 11.76
C LYS A 189 -11.35 -2.38 13.18
N GLY A 190 -10.76 -1.63 14.10
CA GLY A 190 -11.12 -1.64 15.50
C GLY A 190 -10.02 -2.35 16.29
N VAL A 191 -10.28 -3.64 16.60
CA VAL A 191 -9.36 -4.53 17.36
C VAL A 191 -8.47 -5.41 16.46
N ARG A 201 -8.86 -7.94 14.28
CA ARG A 201 -10.20 -7.96 13.70
C ARG A 201 -10.27 -8.57 12.30
N PRO A 202 -10.95 -9.72 12.16
CA PRO A 202 -11.10 -10.35 10.86
C PRO A 202 -11.71 -9.38 9.84
N ALA A 203 -11.89 -9.85 8.61
CA ALA A 203 -12.46 -9.01 7.57
C ALA A 203 -13.87 -9.41 7.20
N ARG A 204 -14.62 -8.44 6.70
CA ARG A 204 -15.97 -8.73 6.32
C ARG A 204 -16.18 -8.93 4.82
N LYS A 205 -16.68 -10.09 4.46
CA LYS A 205 -16.94 -10.42 3.09
C LYS A 205 -18.18 -9.63 2.65
N ALA A 206 -18.09 -9.00 1.50
CA ALA A 206 -19.22 -8.24 1.03
C ALA A 206 -19.63 -8.61 -0.38
N SER A 207 -20.96 -8.72 -0.55
CA SER A 207 -21.57 -9.06 -1.82
C SER A 207 -21.72 -7.84 -2.67
N LEU A 208 -21.36 -7.97 -3.94
CA LEU A 208 -21.41 -6.86 -4.87
C LEU A 208 -22.19 -7.00 -6.17
N SER A 209 -22.81 -5.88 -6.49
CA SER A 209 -23.60 -5.69 -7.68
C SER A 209 -22.93 -4.64 -8.58
N LEU A 210 -22.18 -5.14 -9.55
CA LEU A 210 -21.48 -4.28 -10.45
C LEU A 210 -22.32 -3.80 -11.64
N ARG A 211 -21.77 -2.76 -12.32
CA ARG A 211 -22.29 -2.09 -13.51
C ARG A 211 -21.13 -1.37 -14.22
N SER A 212 -20.92 -1.62 -15.50
CA SER A 212 -19.80 -0.98 -16.18
C SER A 212 -20.27 0.17 -17.04
N GLY A 213 -19.34 0.97 -17.54
CA GLY A 213 -19.74 2.12 -18.35
C GLY A 213 -18.62 3.08 -18.73
N ARG A 214 -18.87 3.84 -19.80
CA ARG A 214 -17.95 4.84 -20.28
C ARG A 214 -18.52 6.12 -19.76
N ILE A 215 -17.66 7.09 -19.50
CA ILE A 215 -18.17 8.31 -18.96
C ILE A 215 -17.28 9.50 -19.29
N THR A 216 -17.98 10.58 -19.61
CA THR A 216 -17.35 11.85 -19.95
C THR A 216 -17.64 12.88 -18.88
N LEU A 217 -16.56 13.33 -18.30
CA LEU A 217 -16.62 14.35 -17.27
C LEU A 217 -16.89 15.69 -17.90
N LYS A 218 -17.32 16.60 -17.06
CA LYS A 218 -17.57 17.98 -17.47
C LYS A 218 -16.21 18.62 -17.79
N GLN A 219 -15.40 18.54 -16.75
CA GLN A 219 -14.01 19.07 -16.56
C GLN A 219 -13.23 19.54 -17.82
N GLY A 220 -13.03 18.67 -18.78
CA GLY A 220 -12.26 19.00 -20.02
C GLY A 220 -12.69 18.06 -21.12
N ASN A 221 -13.95 17.71 -20.99
CA ASN A 221 -14.62 16.75 -21.85
C ASN A 221 -13.84 15.46 -21.89
N ILE A 222 -13.54 15.01 -20.70
CA ILE A 222 -12.79 13.77 -20.49
C ILE A 222 -13.76 12.61 -20.33
N THR A 223 -13.73 11.75 -21.33
CA THR A 223 -14.58 10.55 -21.34
C THR A 223 -13.74 9.32 -21.02
N LEU A 224 -14.27 8.53 -20.12
CA LEU A 224 -13.60 7.32 -19.65
C LEU A 224 -14.58 6.38 -18.94
N ASN A 225 -14.08 5.18 -18.76
CA ASN A 225 -14.84 4.08 -18.16
C ASN A 225 -14.92 4.16 -16.64
N ALA A 226 -16.14 3.90 -16.18
CA ALA A 226 -16.54 3.88 -14.79
C ALA A 226 -17.00 2.49 -14.41
N VAL A 227 -16.91 2.19 -13.11
CA VAL A 227 -17.34 0.94 -12.53
C VAL A 227 -18.18 1.25 -11.33
N LEU A 228 -19.41 0.75 -11.27
CA LEU A 228 -20.30 1.02 -10.15
C LEU A 228 -20.59 -0.21 -9.33
N ALA A 229 -20.12 -0.19 -8.08
CA ALA A 229 -20.28 -1.31 -7.20
C ALA A 229 -21.05 -1.00 -5.96
N GLU A 230 -22.14 -1.74 -5.77
CA GLU A 230 -22.97 -1.55 -4.62
C GLU A 230 -23.15 -2.81 -3.81
N GLU A 231 -22.94 -2.68 -2.50
CA GLU A 231 -23.09 -3.80 -1.61
C GLU A 231 -24.46 -4.36 -1.80
N ILE A 232 -24.62 -5.65 -1.60
CA ILE A 232 -25.91 -6.24 -1.82
C ILE A 232 -26.77 -6.41 -0.54
N ASN A 233 -26.28 -7.21 0.38
CA ASN A 233 -26.94 -7.43 1.65
C ASN A 233 -25.85 -7.23 2.66
N PRO A 234 -25.69 -5.97 2.99
CA PRO A 234 -24.67 -5.51 3.88
C PRO A 234 -25.03 -5.89 5.31
N PRO A 235 -24.03 -6.26 6.12
CA PRO A 235 -24.33 -6.62 7.48
C PRO A 235 -25.14 -5.55 8.17
N LYS A 236 -25.74 -5.94 9.28
CA LYS A 236 -26.62 -5.07 10.07
C LYS A 236 -25.87 -3.83 10.57
N GLY A 237 -26.57 -2.72 10.44
CA GLY A 237 -26.11 -1.40 10.89
C GLY A 237 -24.94 -0.86 10.04
N GLU A 238 -24.17 -1.76 9.47
CA GLU A 238 -22.99 -1.39 8.65
C GLU A 238 -23.40 -0.56 7.44
N THR A 239 -22.77 0.59 7.28
CA THR A 239 -23.08 1.45 6.14
C THR A 239 -22.76 0.70 4.87
N PRO A 240 -23.76 0.61 4.02
CA PRO A 240 -23.66 -0.11 2.77
C PRO A 240 -22.56 0.44 1.92
N LEU A 241 -21.79 -0.48 1.38
CA LEU A 241 -20.67 -0.14 0.50
C LEU A 241 -21.23 0.34 -0.84
N LYS A 242 -20.42 1.12 -1.51
CA LYS A 242 -20.81 1.72 -2.79
C LYS A 242 -19.61 2.45 -3.40
N TRP A 243 -19.13 1.91 -4.51
CA TRP A 243 -17.97 2.50 -5.18
C TRP A 243 -18.26 2.87 -6.62
N LEU A 244 -17.57 3.92 -6.97
CA LEU A 244 -17.65 4.57 -8.27
C LEU A 244 -16.23 4.86 -8.76
N LEU A 245 -15.67 3.88 -9.44
CA LEU A 245 -14.29 3.97 -9.95
C LEU A 245 -14.22 4.33 -11.41
N LEU A 246 -13.22 5.14 -11.72
CA LEU A 246 -12.90 5.60 -13.04
C LEU A 246 -11.57 5.04 -13.39
N THR A 247 -11.45 4.47 -14.55
CA THR A 247 -10.18 3.91 -14.83
C THR A 247 -9.85 3.81 -16.30
N SER A 248 -8.57 3.61 -16.53
CA SER A 248 -7.98 3.44 -17.82
C SER A 248 -8.34 2.08 -18.35
N GLU A 249 -8.49 1.17 -17.40
CA GLU A 249 -8.77 -0.23 -17.63
C GLU A 249 -10.16 -0.59 -18.19
N PRO A 250 -10.20 -1.73 -18.90
CA PRO A 250 -11.40 -2.28 -19.50
C PRO A 250 -12.47 -2.52 -18.47
N VAL A 251 -13.70 -2.58 -18.93
CA VAL A 251 -14.81 -2.75 -18.03
C VAL A 251 -16.07 -3.38 -18.62
N GLU A 252 -15.98 -3.75 -19.89
CA GLU A 252 -17.08 -4.33 -20.67
C GLU A 252 -17.76 -5.52 -20.04
N SER A 253 -16.93 -6.45 -19.57
CA SER A 253 -17.41 -7.67 -18.99
C SER A 253 -17.04 -7.79 -17.54
N LEU A 254 -17.93 -8.45 -16.84
CA LEU A 254 -17.82 -8.71 -15.42
C LEU A 254 -16.40 -9.04 -14.98
N ALA A 255 -15.74 -9.80 -15.81
CA ALA A 255 -14.39 -10.17 -15.48
C ALA A 255 -13.58 -8.92 -15.40
N GLN A 256 -13.72 -8.08 -16.45
CA GLN A 256 -13.03 -6.81 -16.57
C GLN A 256 -13.31 -5.83 -15.43
N ALA A 257 -14.54 -5.82 -14.95
CA ALA A 257 -14.94 -4.95 -13.87
C ALA A 257 -14.46 -5.43 -12.50
N LEU A 258 -14.29 -6.72 -12.36
CA LEU A 258 -13.79 -7.26 -11.12
C LEU A 258 -12.37 -6.79 -10.93
N ARG A 259 -11.51 -7.09 -11.93
CA ARG A 259 -10.10 -6.73 -11.90
C ARG A 259 -9.93 -5.32 -11.37
N VAL A 260 -10.96 -4.53 -11.61
CA VAL A 260 -10.99 -3.18 -11.17
C VAL A 260 -11.40 -3.13 -9.71
N ILE A 261 -12.56 -3.64 -9.45
CA ILE A 261 -13.08 -3.70 -8.08
C ILE A 261 -12.01 -4.29 -7.15
N ASP A 262 -11.34 -5.30 -7.66
CA ASP A 262 -10.28 -6.03 -6.92
C ASP A 262 -9.08 -5.16 -6.59
N ILE A 263 -8.49 -4.65 -7.65
CA ILE A 263 -7.33 -3.75 -7.59
C ILE A 263 -7.58 -2.66 -6.61
N TYR A 264 -8.76 -2.11 -6.73
CA TYR A 264 -9.11 -1.05 -5.85
C TYR A 264 -9.05 -1.51 -4.43
N THR A 265 -9.78 -2.58 -4.19
CA THR A 265 -9.86 -3.21 -2.89
C THR A 265 -8.50 -3.33 -2.25
N HIS A 266 -7.49 -3.28 -3.06
CA HIS A 266 -6.14 -3.34 -2.54
C HIS A 266 -5.60 -1.95 -2.30
N ARG A 267 -6.51 -0.98 -2.13
CA ARG A 267 -6.11 0.39 -1.87
C ARG A 267 -5.65 0.58 -0.42
N TRP A 268 -6.39 -0.01 0.49
CA TRP A 268 -6.12 0.08 1.90
C TRP A 268 -4.67 -0.16 2.35
N ARG A 269 -3.88 -0.88 1.57
CA ARG A 269 -2.50 -1.19 1.93
C ARG A 269 -1.68 0.00 2.42
N ILE A 270 -1.81 1.14 1.72
CA ILE A 270 -1.06 2.35 2.06
C ILE A 270 -1.30 2.84 3.50
N GLU A 271 -2.52 2.67 3.99
CA GLU A 271 -2.85 3.08 5.33
C GLU A 271 -1.99 2.36 6.33
N GLU A 272 -1.83 1.05 6.05
CA GLU A 272 -1.02 0.16 6.86
C GLU A 272 0.39 0.68 6.92
N PHE A 273 0.94 0.90 5.72
CA PHE A 273 2.25 1.46 5.63
C PHE A 273 2.31 2.64 6.58
N HIS A 274 1.37 3.54 6.36
CA HIS A 274 1.23 4.70 7.18
C HIS A 274 1.27 4.35 8.65
N LYS A 275 0.39 3.43 9.04
CA LYS A 275 0.30 2.95 10.41
C LYS A 275 1.61 2.33 10.93
N ALA A 276 2.17 1.40 10.20
CA ALA A 276 3.41 0.76 10.59
C ALA A 276 4.51 1.78 10.76
N TRP A 277 4.38 2.87 10.05
CA TRP A 277 5.34 3.94 10.08
C TRP A 277 5.18 4.80 11.34
N LYS A 278 4.02 5.48 11.44
CA LYS A 278 3.69 6.36 12.55
C LYS A 278 3.93 5.74 13.90
N THR A 279 4.01 4.42 13.89
CA THR A 279 4.26 3.66 15.09
C THR A 279 5.77 3.60 15.31
N GLY A 280 6.48 2.85 14.46
CA GLY A 280 7.92 2.79 14.57
C GLY A 280 8.52 4.19 14.61
N ALA A 281 7.68 5.20 14.37
CA ALA A 281 8.09 6.58 14.41
C ALA A 281 7.75 7.11 15.76
N GLY A 282 6.46 7.23 16.00
CA GLY A 282 5.97 7.71 17.28
C GLY A 282 6.37 6.80 18.43
N ALA A 283 7.58 6.28 18.33
CA ALA A 283 8.18 5.43 19.31
C ALA A 283 9.55 5.99 19.53
N GLU A 284 10.03 6.62 18.46
CA GLU A 284 11.32 7.27 18.37
C GLU A 284 11.20 8.78 18.53
N ARG A 285 9.95 9.23 18.55
CA ARG A 285 9.55 10.61 18.74
C ARG A 285 8.64 10.66 19.98
N GLN A 286 8.57 9.48 20.60
CA GLN A 286 7.85 9.18 21.81
C GLN A 286 8.89 8.75 22.81
N ARG A 287 10.11 8.61 22.25
CA ARG A 287 11.29 8.22 23.01
C ARG A 287 12.55 9.01 22.62
N MET A 288 12.40 10.01 21.72
CA MET A 288 13.50 10.86 21.24
C MET A 288 13.01 11.98 20.28
N PRO A 291 15.66 16.55 17.18
CA PRO A 291 16.84 17.36 16.89
C PRO A 291 16.82 17.88 15.44
N ASP A 292 17.95 17.66 14.78
CA ASP A 292 18.14 18.03 13.39
C ASP A 292 17.66 16.84 12.54
N ASN A 293 17.70 15.69 13.20
CA ASN A 293 17.41 14.37 12.58
C ASN A 293 15.91 13.99 12.56
N LEU A 294 15.05 14.92 12.92
CA LEU A 294 13.57 14.68 13.01
C LEU A 294 12.91 14.36 11.65
N GLU A 295 13.05 15.25 10.68
CA GLU A 295 12.42 14.99 9.38
C GLU A 295 13.25 13.94 8.61
N ARG A 296 14.52 13.78 9.03
CA ARG A 296 15.43 12.80 8.40
C ARG A 296 14.96 11.35 8.72
N MET A 297 15.25 10.93 9.95
CA MET A 297 14.97 9.55 10.49
C MET A 297 13.66 8.95 10.01
N VAL A 298 12.62 9.77 9.97
CA VAL A 298 11.31 9.34 9.52
C VAL A 298 11.38 8.79 8.11
N SER A 299 12.01 9.58 7.25
CA SER A 299 12.26 9.22 5.89
C SER A 299 12.86 7.84 5.90
N ILE A 300 13.70 7.58 6.91
CA ILE A 300 14.28 6.26 7.08
C ILE A 300 13.18 5.26 7.42
N LEU A 301 12.61 5.45 8.61
CA LEU A 301 11.54 4.64 9.12
C LEU A 301 10.56 4.24 8.03
N SER A 302 10.34 5.17 7.10
CA SER A 302 9.45 4.94 6.01
C SER A 302 9.91 3.70 5.27
N PHE A 303 11.19 3.65 4.98
CA PHE A 303 11.78 2.51 4.30
C PHE A 303 11.97 1.33 5.24
N VAL A 304 11.74 1.58 6.54
CA VAL A 304 11.86 0.55 7.56
C VAL A 304 10.48 0.01 7.97
N ALA A 305 9.43 0.81 7.75
CA ALA A 305 8.06 0.38 8.00
C ALA A 305 7.63 -0.51 6.81
N VAL A 306 8.48 -0.58 5.79
CA VAL A 306 8.21 -1.38 4.61
C VAL A 306 8.54 -2.82 4.88
N ARG A 307 9.79 -3.05 5.27
CA ARG A 307 10.24 -4.38 5.57
C ARG A 307 9.35 -5.05 6.58
N LEU A 308 8.83 -4.26 7.53
CA LEU A 308 7.97 -4.83 8.52
C LEU A 308 6.67 -5.18 7.84
N LEU A 309 6.23 -4.25 7.00
CA LEU A 309 5.01 -4.43 6.25
C LEU A 309 5.10 -5.70 5.44
N GLN A 310 6.34 -6.00 5.02
CA GLN A 310 6.70 -7.17 4.23
C GLN A 310 7.01 -8.39 5.08
N LEU A 311 7.12 -8.18 6.39
CA LEU A 311 7.38 -9.28 7.29
C LEU A 311 6.03 -9.78 7.77
N ARG A 312 5.10 -8.84 7.92
CA ARG A 312 3.80 -9.27 8.33
C ARG A 312 3.15 -9.98 7.17
N GLU A 313 3.39 -9.42 5.98
CA GLU A 313 2.83 -9.92 4.73
C GLU A 313 3.19 -11.36 4.44
N SER A 314 4.41 -11.71 4.83
CA SER A 314 4.90 -13.05 4.62
C SER A 314 3.86 -14.06 5.08
N PHE A 315 3.09 -13.70 6.14
CA PHE A 315 2.06 -14.57 6.74
C PHE A 315 0.64 -14.26 6.26
N THR A 316 0.21 -13.03 6.49
CA THR A 316 -1.11 -12.52 6.13
C THR A 316 -1.43 -12.70 4.67
N LEU A 317 -0.53 -12.22 3.85
CA LEU A 317 -0.72 -12.33 2.43
C LEU A 317 -1.23 -13.71 2.06
N PRO A 318 -0.41 -14.73 2.31
CA PRO A 318 -0.79 -16.09 2.02
C PRO A 318 -2.22 -16.39 2.43
N GLN A 319 -2.55 -16.12 3.69
CA GLN A 319 -3.89 -16.35 4.18
C GLN A 319 -4.94 -15.71 3.27
N ALA A 320 -4.76 -14.43 2.99
CA ALA A 320 -5.67 -13.67 2.14
C ALA A 320 -5.89 -14.36 0.81
N LEU A 321 -4.77 -14.72 0.21
CA LEU A 321 -4.72 -15.40 -1.06
C LEU A 321 -5.72 -16.55 -1.10
N ARG A 322 -5.45 -17.58 -0.31
CA ARG A 322 -6.30 -18.74 -0.22
C ARG A 322 -7.77 -18.36 -0.23
N ALA A 323 -8.17 -17.60 0.77
CA ALA A 323 -9.54 -17.17 0.90
C ALA A 323 -10.16 -16.74 -0.41
N GLN A 324 -9.31 -16.45 -1.36
CA GLN A 324 -9.76 -16.03 -2.66
C GLN A 324 -9.46 -17.09 -3.70
N GLY A 325 -9.09 -18.28 -3.22
CA GLY A 325 -8.78 -19.45 -4.06
C GLY A 325 -7.36 -19.52 -4.63
N LEU A 326 -6.78 -18.35 -4.96
CA LEU A 326 -5.43 -18.26 -5.52
C LEU A 326 -4.40 -18.97 -4.65
N LEU A 327 -4.03 -20.20 -5.03
CA LEU A 327 -3.08 -20.99 -4.24
C LEU A 327 -1.61 -20.76 -4.61
N LYS A 328 -1.32 -20.87 -5.91
CA LYS A 328 0.03 -20.70 -6.45
C LYS A 328 0.76 -19.55 -5.79
N GLU A 329 0.03 -18.45 -5.73
CA GLU A 329 0.45 -17.20 -5.16
C GLU A 329 0.90 -17.41 -3.74
N ALA A 330 -0.11 -17.52 -2.89
CA ALA A 330 0.10 -17.76 -1.49
C ALA A 330 1.29 -18.66 -1.30
N GLU A 331 1.25 -19.73 -2.08
CA GLU A 331 2.26 -20.77 -2.09
C GLU A 331 3.65 -20.23 -2.34
N HIS A 332 3.69 -19.11 -3.06
CA HIS A 332 4.94 -18.43 -3.43
C HIS A 332 5.27 -17.33 -2.45
N VAL A 333 4.21 -16.74 -1.91
CA VAL A 333 4.35 -15.66 -0.97
C VAL A 333 4.88 -16.17 0.33
N GLU A 334 4.23 -17.21 0.80
CA GLU A 334 4.61 -17.83 2.03
C GLU A 334 5.95 -18.54 1.89
N SER A 335 6.22 -19.03 0.69
CA SER A 335 7.44 -19.76 0.38
C SER A 335 8.66 -18.85 0.14
N GLN A 336 8.67 -17.67 0.75
CA GLN A 336 9.76 -16.72 0.58
C GLN A 336 10.95 -16.94 1.51
N SER A 337 12.17 -16.57 1.05
CA SER A 337 13.36 -16.71 1.88
C SER A 337 13.45 -15.53 2.81
N ALA A 338 14.57 -15.39 3.47
CA ALA A 338 14.61 -14.25 4.34
C ALA A 338 15.37 -13.19 3.62
N GLU A 339 16.29 -13.70 2.80
CA GLU A 339 17.14 -12.85 1.99
C GLU A 339 16.39 -11.74 1.24
N THR A 340 15.11 -12.02 1.05
CA THR A 340 14.14 -11.16 0.42
C THR A 340 14.02 -9.87 1.23
N VAL A 341 13.71 -9.99 2.52
CA VAL A 341 13.62 -8.82 3.37
C VAL A 341 14.94 -8.52 4.09
N LEU A 342 15.53 -9.56 4.65
CA LEU A 342 16.75 -9.44 5.43
C LEU A 342 18.07 -9.12 4.73
N THR A 343 19.09 -9.35 5.54
CA THR A 343 20.52 -9.21 5.29
C THR A 343 21.22 -10.37 6.00
N PRO A 344 22.23 -10.91 5.36
CA PRO A 344 23.03 -12.02 5.87
C PRO A 344 23.38 -11.80 7.31
N ASP A 345 23.79 -10.58 7.62
CA ASP A 345 24.12 -10.31 8.99
C ASP A 345 22.86 -10.41 9.83
N GLU A 346 21.84 -9.72 9.39
CA GLU A 346 20.56 -9.76 10.07
C GLU A 346 19.97 -11.16 10.03
N CYS A 347 20.38 -11.96 9.05
CA CYS A 347 19.86 -13.29 8.92
C CYS A 347 20.55 -14.25 9.87
N GLN A 348 21.88 -14.28 9.79
CA GLN A 348 22.67 -15.14 10.66
C GLN A 348 22.35 -14.87 12.11
N LEU A 349 22.59 -13.61 12.50
CA LEU A 349 22.36 -13.05 13.84
C LEU A 349 20.95 -13.32 14.39
N LEU A 350 19.93 -13.02 13.58
CA LEU A 350 18.54 -13.27 13.96
C LEU A 350 18.31 -14.76 14.10
N GLY A 351 19.26 -15.53 13.55
CA GLY A 351 19.25 -16.99 13.57
C GLY A 351 19.67 -17.53 14.92
N TYR A 352 20.86 -17.12 15.38
CA TYR A 352 21.35 -17.52 16.68
C TYR A 352 20.32 -17.07 17.71
N LEU A 353 20.09 -15.76 17.71
CA LEU A 353 19.16 -15.09 18.58
C LEU A 353 17.87 -15.84 18.79
N ASP A 354 17.35 -16.33 17.71
CA ASP A 354 16.10 -17.06 17.77
C ASP A 354 16.30 -18.51 17.43
N LYS A 355 16.95 -19.24 18.33
CA LYS A 355 17.20 -20.66 18.12
C LYS A 355 16.10 -21.65 18.55
N GLY A 356 15.86 -21.78 19.82
CA GLY A 356 14.89 -22.80 20.30
C GLY A 356 13.44 -22.34 20.08
N LYS A 357 13.19 -21.69 18.93
CA LYS A 357 11.87 -21.03 18.73
C LYS A 357 10.91 -21.58 17.61
N ARG A 358 11.34 -21.80 16.36
CA ARG A 358 10.31 -22.12 15.28
C ARG A 358 9.68 -23.54 15.37
N LYS A 359 8.44 -23.59 14.82
CA LYS A 359 7.54 -24.77 14.83
C LYS A 359 6.92 -25.11 13.46
N ARG A 360 6.10 -24.19 12.98
CA ARG A 360 5.41 -24.29 11.68
C ARG A 360 6.27 -23.59 10.65
N LYS A 361 6.88 -22.57 11.18
CA LYS A 361 7.78 -21.66 10.47
C LYS A 361 8.92 -22.43 9.82
N GLU A 362 8.85 -22.50 8.50
CA GLU A 362 9.87 -23.15 7.68
C GLU A 362 11.20 -22.43 7.94
N LYS A 363 12.26 -23.22 7.96
CA LYS A 363 13.62 -22.73 8.24
C LYS A 363 14.19 -21.92 7.06
N GLY A 364 14.55 -20.68 7.38
CA GLY A 364 15.19 -19.74 6.43
C GLY A 364 14.17 -18.83 5.77
N SER A 365 12.94 -18.95 6.23
CA SER A 365 11.82 -18.20 5.71
C SER A 365 11.67 -16.77 6.16
N LEU A 366 10.95 -16.04 5.33
CA LEU A 366 10.63 -14.68 5.62
C LEU A 366 9.71 -14.83 6.81
N GLN A 367 8.77 -15.77 6.64
CA GLN A 367 7.81 -16.10 7.70
C GLN A 367 8.56 -16.34 8.98
N TRP A 368 9.54 -17.24 8.92
CA TRP A 368 10.31 -17.51 10.08
C TRP A 368 10.74 -16.18 10.68
N ALA A 369 11.62 -15.56 9.90
CA ALA A 369 12.17 -14.26 10.18
C ALA A 369 11.18 -13.32 10.82
N TYR A 370 10.04 -13.09 10.17
CA TYR A 370 9.02 -12.20 10.73
C TYR A 370 8.72 -12.53 12.17
N MET A 371 8.52 -13.83 12.36
CA MET A 371 8.19 -14.44 13.64
C MET A 371 9.28 -14.24 14.64
N ALA A 372 10.51 -14.54 14.23
CA ALA A 372 11.63 -14.36 15.10
C ALA A 372 11.57 -12.93 15.60
N ILE A 373 11.63 -11.99 14.66
CA ILE A 373 11.57 -10.57 14.94
C ILE A 373 10.38 -10.20 15.78
N ALA A 374 9.31 -10.98 15.69
CA ALA A 374 8.18 -10.63 16.50
C ALA A 374 8.53 -10.94 17.93
N ARG A 375 8.93 -12.19 18.13
CA ARG A 375 9.33 -12.67 19.43
C ARG A 375 10.32 -11.73 20.09
N LEU A 376 11.41 -11.48 19.38
CA LEU A 376 12.45 -10.60 19.89
C LEU A 376 11.84 -9.32 20.41
N GLY A 377 10.71 -8.95 19.80
CA GLY A 377 9.95 -7.77 20.15
C GLY A 377 8.99 -8.09 21.28
N GLY A 378 8.74 -9.40 21.45
CA GLY A 378 7.87 -9.96 22.50
C GLY A 378 6.55 -10.60 22.00
N PHE A 379 6.61 -11.37 20.93
CA PHE A 379 5.39 -11.96 20.44
C PHE A 379 4.91 -13.12 21.30
N MET A 380 4.04 -12.80 22.23
CA MET A 380 3.53 -13.88 23.05
C MET A 380 2.59 -14.74 22.23
N ASP A 381 1.62 -14.06 21.68
CA ASP A 381 0.67 -14.73 20.82
C ASP A 381 -0.31 -15.57 21.56
N SER A 382 -1.10 -14.84 22.31
CA SER A 382 -2.14 -15.44 23.08
C SER A 382 -3.28 -15.91 22.16
N LYS A 383 -4.05 -14.95 21.63
CA LYS A 383 -5.19 -15.26 20.77
C LYS A 383 -4.90 -16.21 19.64
N ARG A 384 -3.65 -16.65 19.56
CA ARG A 384 -3.26 -17.54 18.51
C ARG A 384 -3.67 -16.96 17.16
N THR A 385 -2.89 -16.01 16.70
CA THR A 385 -3.17 -15.36 15.45
C THR A 385 -1.96 -15.44 14.53
N GLY A 386 -0.78 -15.35 15.14
CA GLY A 386 0.46 -15.37 14.39
C GLY A 386 0.57 -14.01 13.74
N ILE A 387 -0.16 -13.09 14.35
CA ILE A 387 -0.28 -11.75 13.90
C ILE A 387 0.17 -10.75 14.94
N ALA A 388 1.47 -10.54 14.90
CA ALA A 388 2.16 -9.63 15.76
C ALA A 388 1.75 -8.22 15.40
N SER A 389 1.82 -7.32 16.37
CA SER A 389 1.47 -5.94 16.17
C SER A 389 2.66 -5.14 15.68
N TRP A 390 2.39 -3.94 15.23
CA TRP A 390 3.45 -3.07 14.76
C TRP A 390 4.52 -2.79 15.82
N GLY A 391 4.06 -2.62 17.06
CA GLY A 391 4.94 -2.34 18.19
C GLY A 391 5.96 -3.45 18.44
N ALA A 392 5.46 -4.67 18.52
CA ALA A 392 6.33 -5.81 18.75
C ALA A 392 7.38 -5.88 17.68
N LEU A 393 6.91 -5.71 16.45
CA LEU A 393 7.78 -5.74 15.33
C LEU A 393 8.85 -4.68 15.44
N TRP A 394 8.40 -3.45 15.60
CA TRP A 394 9.36 -2.36 15.72
C TRP A 394 10.33 -2.64 16.83
N GLU A 395 9.85 -3.28 17.89
CA GLU A 395 10.70 -3.60 19.01
C GLU A 395 11.75 -4.58 18.63
N GLY A 396 11.31 -5.80 18.43
CA GLY A 396 12.23 -6.82 18.04
C GLY A 396 13.07 -6.31 16.89
N TRP A 397 12.48 -5.47 16.09
CA TRP A 397 13.24 -4.97 14.98
C TRP A 397 14.40 -4.15 15.50
N GLU A 398 14.07 -3.00 16.10
CA GLU A 398 15.09 -2.10 16.63
C GLU A 398 16.07 -2.84 17.48
N ALA A 399 15.54 -3.87 18.12
CA ALA A 399 16.29 -4.75 18.97
C ALA A 399 17.25 -5.55 18.12
N LEU A 400 16.70 -6.20 17.08
CA LEU A 400 17.53 -6.99 16.16
C LEU A 400 18.64 -6.10 15.69
N GLN A 401 18.33 -4.81 15.67
CA GLN A 401 19.25 -3.78 15.28
C GLN A 401 20.38 -3.55 16.28
N SER A 402 20.07 -3.50 17.57
CA SER A 402 21.12 -3.31 18.54
C SER A 402 22.19 -4.39 18.44
N LYS A 403 21.80 -5.60 18.82
CA LYS A 403 22.67 -6.75 18.80
C LYS A 403 23.55 -6.74 17.57
N LEU A 404 22.99 -6.18 16.53
CA LEU A 404 23.74 -6.15 15.35
C LEU A 404 25.00 -5.42 15.62
N ASP A 405 24.86 -4.22 16.19
CA ASP A 405 26.01 -3.41 16.52
C ASP A 405 27.06 -4.25 17.13
N GLY A 406 26.58 -5.24 17.87
CA GLY A 406 27.51 -6.16 18.49
C GLY A 406 28.25 -6.86 17.40
N PHE A 407 27.56 -7.84 16.88
CA PHE A 407 28.02 -8.69 15.82
C PHE A 407 28.91 -7.96 14.82
N LEU A 408 28.37 -6.91 14.27
CA LEU A 408 29.12 -6.10 13.34
C LEU A 408 30.40 -5.57 13.95
N ALA A 409 30.32 -5.25 15.23
CA ALA A 409 31.48 -4.74 15.93
C ALA A 409 32.58 -5.78 15.94
N ALA A 410 32.23 -6.96 16.44
CA ALA A 410 33.15 -8.07 16.50
C ALA A 410 33.74 -8.31 15.12
N LYS A 411 32.85 -8.68 14.20
CA LYS A 411 33.20 -8.95 12.84
C LYS A 411 34.27 -8.02 12.32
N ASP A 412 34.14 -6.72 12.60
CA ASP A 412 35.11 -5.74 12.10
C ASP A 412 36.48 -5.99 12.69
N LEU A 413 36.53 -5.91 13.98
CA LEU A 413 37.76 -6.14 14.68
C LEU A 413 38.26 -7.48 14.22
N MET A 414 37.40 -8.50 14.31
CA MET A 414 37.67 -9.88 13.91
C MET A 414 38.66 -9.97 12.76
N ALA A 415 38.67 -8.89 11.97
CA ALA A 415 39.55 -8.73 10.86
C ALA A 415 40.67 -7.78 11.27
N GLN A 416 40.29 -6.52 11.46
CA GLN A 416 41.19 -5.44 11.86
C GLN A 416 41.33 -5.38 13.38
PT1 TPT B . 20.94 -16.64 7.18
N1 TPT B . 19.92 -17.96 8.39
N2 TPT B . 22.56 -18.08 7.42
N3 TPT B . 22.39 -15.95 5.90
C1 TPT B . 18.70 -17.71 8.89
C2 TPT B . 18.21 -18.58 9.84
C3 TPT B . 19.00 -19.61 10.31
C4 TPT B . 20.29 -19.79 9.87
C5 TPT B . 20.78 -18.93 8.91
C6 TPT B . 22.20 -19.01 8.36
C7 TPT B . 23.17 -19.92 8.69
C8 TPT B . 24.42 -19.88 8.06
C9 TPT B . 24.74 -18.88 7.13
C10 TPT B . 23.79 -17.96 6.78
C11 TPT B . 23.45 -16.77 5.93
C12 TPT B . 24.46 -16.36 5.11
C13 TPT B . 24.33 -15.27 4.30
C14 TPT B . 23.16 -14.55 4.26
C15 TPT B . 22.18 -14.88 5.12
PT1 TPT C . -18.83 15.69 -1.91
N1 TPT C . -20.28 14.24 -1.56
N2 TPT C . -17.50 14.36 -0.71
N3 TPT C . -16.97 16.70 -1.79
C1 TPT C . -21.56 14.35 -2.06
C2 TPT C . -22.36 13.26 -1.81
C3 TPT C . -21.87 12.18 -1.01
C4 TPT C . -20.54 12.16 -0.55
C5 TPT C . -19.71 13.20 -0.85
C6 TPT C . -18.22 13.29 -0.36
C7 TPT C . -17.60 12.40 0.48
C8 TPT C . -16.28 12.64 0.89
C9 TPT C . -15.54 13.79 0.48
C10 TPT C . -16.18 14.70 -0.28
C11 TPT C . -16.08 15.98 -0.98
C12 TPT C . -14.83 16.57 -0.88
C13 TPT C . -14.55 17.84 -1.49
C14 TPT C . -15.56 18.51 -2.22
C15 TPT C . -16.79 17.92 -2.35
#